data_2VW9
#
_entry.id   2VW9
#
_cell.length_a   75.562
_cell.length_b   75.562
_cell.length_c   117.691
_cell.angle_alpha   90.00
_cell.angle_beta   90.00
_cell.angle_gamma   120.00
#
_symmetry.space_group_name_H-M   'P 32 2 1'
#
loop_
_entity.id
_entity.type
_entity.pdbx_description
1 polymer 'SINGLE-STRANDED DNA BINDING PROTEIN'
2 polymer POLY-DT
3 water water
#
loop_
_entity_poly.entity_id
_entity_poly.type
_entity_poly.pdbx_seq_one_letter_code
_entity_poly.pdbx_strand_id
1 'polypeptide(L)'
;MFNKVIMVGRLTRNVELKYLPSGSAAATIGLATSRRFKKQDGTLGEEVCFIDARLFGRTAEIANQYLSKGSSVLIEGRLT
YESWMDQTGKKNSRHTITADSLQFMDKKSDNPQANAMQDSIMHENSNNAYPANH
;
A,B
2 'polydeoxyribonucleotide'
;(DT)(DT)(DT)(DT)(DT)(DT)(DT)(DT)(DT)(DT)(DT)(DT)(DT)(DT)(DT)(DT)(DT)(DT)(DT)(DT)
(DT)(DT)(DT)(DT)(DT)(DT)(DT)(DT)(DT)(DT)(DT)(DT)(DT)(DT)(DT)
;
C
#
# COMPACT_ATOMS: atom_id res chain seq x y z
N MET A 1 5.77 -1.93 -20.79
CA MET A 1 6.33 -2.67 -19.63
C MET A 1 5.80 -2.14 -18.31
N PHE A 2 5.39 -3.07 -17.46
CA PHE A 2 4.80 -2.72 -16.16
C PHE A 2 5.81 -1.99 -15.30
N ASN A 3 5.41 -0.83 -14.80
CA ASN A 3 6.25 0.04 -13.97
C ASN A 3 5.38 0.62 -12.86
N LYS A 4 5.49 0.07 -11.66
CA LYS A 4 4.64 0.51 -10.56
C LYS A 4 5.38 0.80 -9.27
N VAL A 5 5.01 1.92 -8.67
CA VAL A 5 5.54 2.36 -7.39
C VAL A 5 4.38 2.66 -6.44
N ILE A 6 4.50 2.21 -5.20
CA ILE A 6 3.48 2.47 -4.22
C ILE A 6 4.25 2.77 -2.95
N MET A 7 4.19 4.02 -2.52
CA MET A 7 4.91 4.44 -1.33
C MET A 7 4.10 5.30 -0.37
N VAL A 8 4.29 5.06 0.91
CA VAL A 8 3.66 5.87 1.94
C VAL A 8 4.83 6.68 2.46
N GLY A 9 4.63 7.97 2.60
CA GLY A 9 5.67 8.82 3.13
C GLY A 9 5.11 10.13 3.66
N ARG A 10 6.00 11.00 4.10
CA ARG A 10 5.54 12.31 4.49
C ARG A 10 6.29 13.40 3.72
N LEU A 11 5.61 14.50 3.38
CA LEU A 11 6.25 15.59 2.63
C LEU A 11 7.37 16.22 3.46
N THR A 12 8.48 16.50 2.79
CA THR A 12 9.65 17.09 3.42
C THR A 12 9.59 18.60 3.30
N ARG A 13 8.68 19.06 2.44
CA ARG A 13 8.47 20.48 2.23
C ARG A 13 7.03 20.70 1.78
N ASN A 14 6.63 21.96 1.68
CA ASN A 14 5.29 22.29 1.21
C ASN A 14 5.30 22.00 -0.27
N VAL A 15 4.15 21.59 -0.81
CA VAL A 15 4.06 21.32 -2.24
C VAL A 15 4.15 22.63 -3.01
N GLU A 16 4.95 22.62 -4.08
CA GLU A 16 5.18 23.77 -4.94
C GLU A 16 4.41 23.62 -6.25
N LEU A 17 3.29 24.34 -6.35
CA LEU A 17 2.40 24.30 -7.51
C LEU A 17 2.77 25.38 -8.52
N LYS A 18 2.93 24.98 -9.77
CA LYS A 18 3.23 25.93 -10.83
C LYS A 18 2.37 25.57 -12.02
N TYR A 19 2.34 26.47 -12.98
CA TYR A 19 1.71 26.14 -14.26
C TYR A 19 2.82 26.12 -15.31
N LEU A 20 2.71 25.21 -16.28
CA LEU A 20 3.74 25.08 -17.29
C LEU A 20 3.32 26.07 -18.35
N PRO A 21 4.28 26.53 -19.19
CA PRO A 21 3.95 27.48 -20.26
C PRO A 21 2.71 27.05 -21.02
N SER A 22 2.49 25.74 -21.11
CA SER A 22 1.34 25.17 -21.82
C SER A 22 -0.03 25.38 -21.14
N GLY A 23 -0.01 25.70 -19.85
CA GLY A 23 -1.27 25.87 -19.12
C GLY A 23 -1.48 24.77 -18.08
N SER A 24 -0.86 23.62 -18.29
CA SER A 24 -0.99 22.50 -17.35
C SER A 24 -0.37 22.77 -15.99
N ALA A 25 -1.07 22.33 -14.96
CA ALA A 25 -0.56 22.44 -13.61
C ALA A 25 0.50 21.35 -13.49
N ALA A 26 1.50 21.63 -12.65
CA ALA A 26 2.58 20.69 -12.39
C ALA A 26 2.95 20.98 -10.96
N ALA A 27 3.44 19.97 -10.27
CA ALA A 27 3.84 20.13 -8.89
C ALA A 27 4.86 19.07 -8.60
N THR A 28 5.73 19.33 -7.65
CA THR A 28 6.71 18.35 -7.23
C THR A 28 6.63 18.31 -5.72
N ILE A 29 6.58 17.10 -5.16
CA ILE A 29 6.60 16.98 -3.73
C ILE A 29 7.81 16.18 -3.29
N GLY A 30 8.33 16.51 -2.11
CA GLY A 30 9.46 15.80 -1.58
C GLY A 30 8.92 14.80 -0.57
N LEU A 31 9.26 13.53 -0.74
CA LEU A 31 8.80 12.49 0.16
C LEU A 31 9.94 11.91 0.96
N ALA A 32 9.58 11.44 2.14
CA ALA A 32 10.51 10.77 2.99
C ALA A 32 9.78 9.51 3.43
N THR A 33 10.36 8.36 3.17
CA THR A 33 9.74 7.11 3.57
C THR A 33 10.79 6.40 4.38
N SER A 34 10.45 5.98 5.59
CA SER A 34 11.41 5.29 6.43
C SER A 34 11.06 3.84 6.64
N ARG A 35 12.10 3.04 6.74
CA ARG A 35 11.99 1.62 6.94
C ARG A 35 12.79 1.27 8.20
N ARG A 36 12.28 0.32 8.96
CA ARG A 36 13.00 -0.17 10.13
C ARG A 36 13.46 -1.59 9.79
N PHE A 37 14.55 -2.03 10.40
CA PHE A 37 15.07 -3.37 10.16
C PHE A 37 16.02 -3.77 11.28
N LYS A 38 16.03 -5.05 11.60
CA LYS A 38 16.92 -5.57 12.64
C LYS A 38 18.34 -5.77 12.12
N LYS A 39 19.32 -5.32 12.89
CA LYS A 39 20.71 -5.53 12.53
C LYS A 39 21.09 -6.93 13.03
N GLN A 40 21.95 -7.59 12.27
CA GLN A 40 22.40 -8.94 12.58
C GLN A 40 22.75 -9.19 14.05
N ASP A 41 22.82 -8.14 14.86
CA ASP A 41 23.05 -8.30 16.31
C ASP A 41 21.68 -8.51 16.94
N GLY A 42 20.96 -7.40 17.10
CA GLY A 42 19.65 -7.40 17.71
C GLY A 42 19.23 -5.95 17.73
N THR A 43 20.11 -5.12 17.19
CA THR A 43 19.84 -3.69 17.05
C THR A 43 18.75 -3.51 15.97
N LEU A 44 17.89 -2.51 16.17
CA LEU A 44 16.88 -2.20 15.17
C LEU A 44 17.42 -0.93 14.48
N GLY A 45 17.40 -0.92 13.15
CA GLY A 45 17.95 0.23 12.43
C GLY A 45 16.90 0.97 11.61
N GLU A 46 17.37 1.83 10.71
CA GLU A 46 16.47 2.55 9.84
C GLU A 46 17.18 3.06 8.59
N GLU A 47 16.43 3.04 7.49
CA GLU A 47 16.87 3.59 6.23
C GLU A 47 15.80 4.63 5.91
N VAL A 48 16.19 5.81 5.42
CA VAL A 48 15.19 6.79 5.03
C VAL A 48 15.35 7.05 3.55
N CYS A 49 14.29 6.83 2.80
CA CYS A 49 14.36 7.08 1.38
C CYS A 49 13.78 8.46 1.08
N PHE A 50 14.60 9.33 0.51
CA PHE A 50 14.15 10.66 0.12
C PHE A 50 14.00 10.57 -1.37
N ILE A 51 12.91 11.11 -1.88
CA ILE A 51 12.63 11.02 -3.31
C ILE A 51 11.54 12.04 -3.70
N ASP A 52 11.69 12.62 -4.89
CA ASP A 52 10.73 13.59 -5.41
C ASP A 52 9.67 12.92 -6.29
N ALA A 53 8.44 13.41 -6.24
CA ALA A 53 7.40 12.88 -7.10
C ALA A 53 6.81 13.99 -7.95
N ARG A 54 6.64 13.70 -9.23
CA ARG A 54 6.06 14.66 -10.14
C ARG A 54 4.56 14.47 -10.26
N LEU A 55 3.82 15.58 -10.21
CA LEU A 55 2.36 15.56 -10.33
C LEU A 55 2.01 16.45 -11.53
N PHE A 56 0.90 16.13 -12.20
CA PHE A 56 0.49 16.90 -13.37
C PHE A 56 -1.03 17.03 -13.36
N GLY A 57 -1.54 18.10 -13.98
CA GLY A 57 -2.98 18.29 -14.07
C GLY A 57 -3.69 18.38 -12.75
N ARG A 58 -4.89 17.81 -12.69
CA ARG A 58 -5.73 17.82 -11.48
C ARG A 58 -5.03 17.26 -10.25
N THR A 59 -4.19 16.27 -10.44
CA THR A 59 -3.45 15.66 -9.34
C THR A 59 -2.53 16.69 -8.69
N ALA A 60 -1.86 17.51 -9.50
CA ALA A 60 -0.97 18.54 -8.98
C ALA A 60 -1.73 19.54 -8.11
N GLU A 61 -2.89 19.96 -8.59
CA GLU A 61 -3.68 20.91 -7.81
C GLU A 61 -4.28 20.27 -6.57
N ILE A 62 -4.76 19.05 -6.69
CA ILE A 62 -5.31 18.37 -5.53
C ILE A 62 -4.27 18.32 -4.43
N ALA A 63 -3.03 18.00 -4.80
CA ALA A 63 -1.94 17.94 -3.83
C ALA A 63 -1.68 19.29 -3.18
N ASN A 64 -1.69 20.35 -3.99
CA ASN A 64 -1.43 21.70 -3.49
C ASN A 64 -2.52 22.17 -2.55
N GLN A 65 -3.75 21.72 -2.78
CA GLN A 65 -4.83 22.13 -1.93
C GLN A 65 -4.94 21.34 -0.58
N TYR A 66 -4.63 20.06 -0.59
CA TYR A 66 -4.80 19.28 0.63
C TYR A 66 -3.58 18.83 1.37
N LEU A 67 -2.39 19.01 0.80
CA LEU A 67 -1.18 18.54 1.48
C LEU A 67 -0.21 19.65 1.85
N SER A 68 0.50 19.47 2.95
CA SER A 68 1.50 20.46 3.37
C SER A 68 2.69 19.72 3.96
N LYS A 69 3.77 20.46 4.23
CA LYS A 69 4.97 19.89 4.83
C LYS A 69 4.60 19.01 6.02
N GLY A 70 5.18 17.82 6.09
CA GLY A 70 4.88 16.92 7.18
C GLY A 70 3.66 16.03 6.97
N SER A 71 2.88 16.33 5.94
CA SER A 71 1.69 15.53 5.64
C SER A 71 2.02 14.09 5.30
N SER A 72 1.15 13.19 5.74
CA SER A 72 1.32 11.77 5.45
C SER A 72 0.46 11.48 4.22
N VAL A 73 0.99 10.70 3.28
CA VAL A 73 0.24 10.40 2.06
C VAL A 73 0.71 9.13 1.37
N LEU A 74 -0.21 8.44 0.71
CA LEU A 74 0.17 7.27 -0.05
C LEU A 74 0.21 7.68 -1.51
N ILE A 75 1.35 7.46 -2.14
CA ILE A 75 1.47 7.82 -3.54
C ILE A 75 1.55 6.57 -4.39
N GLU A 76 0.86 6.61 -5.51
CA GLU A 76 0.90 5.53 -6.46
C GLU A 76 1.28 6.09 -7.83
N GLY A 77 2.32 5.55 -8.45
CA GLY A 77 2.71 5.99 -9.77
C GLY A 77 3.72 5.08 -10.43
N ARG A 78 4.65 5.70 -11.13
CA ARG A 78 5.69 4.96 -11.82
C ARG A 78 7.09 5.54 -11.55
N LEU A 79 8.12 4.74 -11.80
CA LEU A 79 9.46 5.22 -11.61
C LEU A 79 9.88 5.94 -12.90
N THR A 80 10.52 7.09 -12.72
CA THR A 80 10.93 7.92 -13.85
C THR A 80 12.42 8.26 -13.91
N TYR A 81 12.96 8.20 -15.12
CA TYR A 81 14.36 8.54 -15.35
C TYR A 81 14.44 9.84 -16.15
N GLU A 82 14.88 10.91 -15.50
CA GLU A 82 15.02 12.22 -16.14
C GLU A 82 16.48 12.40 -16.61
N SER A 83 16.64 12.89 -17.83
CA SER A 83 17.95 13.06 -18.45
C SER A 83 17.90 14.41 -19.18
N TRP A 84 18.80 15.34 -18.87
CA TRP A 84 18.75 16.68 -19.51
C TRP A 84 20.08 17.44 -19.44
N MET A 85 20.15 18.56 -20.16
CA MET A 85 21.38 19.37 -20.18
C MET A 85 21.16 20.57 -19.28
N ASP A 86 21.99 20.77 -18.27
CA ASP A 86 21.77 21.92 -17.41
C ASP A 86 22.24 23.18 -18.17
N GLN A 87 21.90 24.36 -17.65
CA GLN A 87 22.21 25.60 -18.35
C GLN A 87 23.68 25.87 -18.57
N THR A 88 24.53 24.98 -18.08
CA THR A 88 25.97 25.09 -18.23
C THR A 88 26.38 24.28 -19.46
N GLY A 89 25.50 23.37 -19.85
CA GLY A 89 25.78 22.48 -20.96
C GLY A 89 26.21 21.09 -20.46
N LYS A 90 26.03 20.84 -19.17
CA LYS A 90 26.42 19.56 -18.61
C LYS A 90 25.28 18.54 -18.49
N LYS A 91 25.56 17.34 -18.97
CA LYS A 91 24.60 16.24 -18.92
C LYS A 91 24.24 15.97 -17.47
N ASN A 92 22.95 15.80 -17.21
CA ASN A 92 22.50 15.51 -15.85
C ASN A 92 21.35 14.51 -15.91
N SER A 93 21.20 13.69 -14.87
CA SER A 93 20.11 12.71 -14.85
C SER A 93 19.48 12.59 -13.47
N ARG A 94 18.27 12.03 -13.45
CA ARG A 94 17.53 11.94 -12.21
C ARG A 94 16.47 10.84 -12.18
N HIS A 95 16.23 10.29 -10.99
CA HIS A 95 15.19 9.30 -10.78
C HIS A 95 14.13 9.95 -9.92
N THR A 96 12.90 10.00 -10.43
CA THR A 96 11.80 10.54 -9.68
C THR A 96 10.60 9.59 -9.82
N ILE A 97 9.54 9.86 -9.09
CA ILE A 97 8.32 9.09 -9.21
C ILE A 97 7.31 10.03 -9.88
N THR A 98 6.64 9.54 -10.92
CA THR A 98 5.59 10.35 -11.53
C THR A 98 4.31 9.74 -10.94
N ALA A 99 3.62 10.51 -10.11
CA ALA A 99 2.41 10.04 -9.45
C ALA A 99 1.09 10.12 -10.21
N ASP A 100 0.32 9.02 -10.15
CA ASP A 100 -1.01 8.94 -10.76
C ASP A 100 -2.08 9.32 -9.73
N SER A 101 -1.86 8.97 -8.48
CA SER A 101 -2.86 9.21 -7.45
C SER A 101 -2.25 9.40 -6.08
N LEU A 102 -3.06 9.95 -5.19
CA LEU A 102 -2.64 10.21 -3.85
C LEU A 102 -3.73 9.74 -2.89
N GLN A 103 -3.32 9.08 -1.83
CA GLN A 103 -4.25 8.66 -0.81
C GLN A 103 -3.85 9.40 0.48
N PHE A 104 -4.65 10.38 0.85
CA PHE A 104 -4.38 11.22 2.01
C PHE A 104 -4.40 10.46 3.31
N MET A 105 -3.41 10.70 4.15
CA MET A 105 -3.36 10.00 5.42
C MET A 105 -3.19 10.94 6.64
N ASP A 106 -3.65 12.18 6.52
CA ASP A 106 -3.56 13.13 7.64
C ASP A 106 -4.67 12.98 8.69
N LYS A 107 -5.87 12.67 8.24
CA LYS A 107 -7.01 12.46 9.12
C LYS A 107 -6.76 11.23 10.01
N LYS A 108 -6.82 11.42 11.31
CA LYS A 108 -6.58 10.33 12.23
C LYS A 108 -7.78 10.14 13.16
N SER A 109 -8.48 9.11 13.03
N MET B 1 2.45 -16.68 -13.92
CA MET B 1 1.67 -15.40 -14.02
C MET B 1 1.59 -14.63 -12.70
N PHE B 2 1.88 -13.34 -12.80
CA PHE B 2 1.92 -12.45 -11.67
C PHE B 2 0.55 -12.35 -11.03
N ASN B 3 0.51 -12.41 -9.70
CA ASN B 3 -0.74 -12.41 -8.93
C ASN B 3 -0.47 -11.70 -7.59
N LYS B 4 -0.81 -10.41 -7.53
CA LYS B 4 -0.54 -9.64 -6.32
C LYS B 4 -1.75 -8.97 -5.69
N VAL B 5 -1.77 -9.02 -4.36
CA VAL B 5 -2.82 -8.40 -3.60
C VAL B 5 -2.15 -7.66 -2.45
N ILE B 6 -2.50 -6.39 -2.28
CA ILE B 6 -1.99 -5.57 -1.18
C ILE B 6 -3.23 -4.93 -0.62
N MET B 7 -3.52 -5.17 0.64
CA MET B 7 -4.73 -4.61 1.23
C MET B 7 -4.60 -4.25 2.68
N VAL B 8 -5.27 -3.17 3.07
CA VAL B 8 -5.30 -2.77 4.46
C VAL B 8 -6.71 -3.12 4.93
N GLY B 9 -6.81 -3.81 6.06
CA GLY B 9 -8.12 -4.15 6.59
C GLY B 9 -8.10 -4.41 8.08
N ARG B 10 -9.28 -4.36 8.69
CA ARG B 10 -9.40 -4.68 10.11
C ARG B 10 -9.86 -6.14 10.22
N LEU B 11 -9.41 -6.84 11.28
CA LEU B 11 -9.82 -8.23 11.47
C LEU B 11 -11.27 -8.23 11.91
N THR B 12 -12.07 -9.13 11.32
CA THR B 12 -13.48 -9.20 11.66
C THR B 12 -13.78 -10.24 12.75
N ARG B 13 -12.74 -10.97 13.17
CA ARG B 13 -12.85 -11.97 14.21
C ARG B 13 -11.42 -12.31 14.64
N ASN B 14 -11.30 -13.17 15.64
CA ASN B 14 -9.98 -13.53 16.16
C ASN B 14 -9.20 -14.48 15.29
N VAL B 15 -7.88 -14.51 15.49
CA VAL B 15 -7.02 -15.38 14.69
C VAL B 15 -7.25 -16.84 15.01
N GLU B 16 -7.33 -17.65 13.95
CA GLU B 16 -7.53 -19.09 14.07
C GLU B 16 -6.25 -19.77 13.57
N LEU B 17 -5.54 -20.37 14.52
CA LEU B 17 -4.26 -20.99 14.26
C LEU B 17 -4.21 -22.47 14.61
N LYS B 18 -3.60 -23.24 13.72
CA LYS B 18 -3.37 -24.65 13.94
C LYS B 18 -1.95 -24.95 13.51
N TYR B 19 -1.55 -26.20 13.63
CA TYR B 19 -0.22 -26.59 13.19
C TYR B 19 -0.35 -27.77 12.26
N LEU B 20 0.48 -27.79 11.23
CA LEU B 20 0.47 -28.86 10.25
C LEU B 20 1.39 -30.00 10.69
N PRO B 21 1.26 -31.18 10.08
CA PRO B 21 2.13 -32.30 10.45
C PRO B 21 3.60 -31.91 10.44
N SER B 22 4.02 -31.19 9.40
CA SER B 22 5.41 -30.74 9.27
C SER B 22 5.82 -29.99 10.51
N GLY B 23 4.85 -29.32 11.12
CA GLY B 23 5.15 -28.52 12.29
C GLY B 23 4.97 -27.02 12.10
N SER B 24 4.75 -26.59 10.86
CA SER B 24 4.57 -25.17 10.59
C SER B 24 3.15 -24.70 10.85
N ALA B 25 3.03 -23.45 11.29
CA ALA B 25 1.74 -22.88 11.61
C ALA B 25 0.91 -22.57 10.35
N ALA B 26 -0.39 -22.48 10.54
CA ALA B 26 -1.28 -22.17 9.44
C ALA B 26 -2.45 -21.50 10.13
N ALA B 27 -2.67 -20.24 9.79
CA ALA B 27 -3.75 -19.48 10.40
C ALA B 27 -4.66 -18.89 9.35
N THR B 28 -5.81 -18.44 9.80
CA THR B 28 -6.77 -17.84 8.90
C THR B 28 -7.30 -16.64 9.63
N ILE B 29 -7.44 -15.54 8.90
CA ILE B 29 -7.97 -14.33 9.51
C ILE B 29 -9.09 -13.79 8.64
N GLY B 30 -10.03 -13.09 9.25
CA GLY B 30 -11.13 -12.51 8.52
C GLY B 30 -10.84 -11.03 8.43
N LEU B 31 -10.97 -10.47 7.22
CA LEU B 31 -10.67 -9.07 7.04
C LEU B 31 -11.81 -8.26 6.49
N ALA B 32 -11.74 -6.96 6.74
CA ALA B 32 -12.73 -6.02 6.26
C ALA B 32 -11.95 -4.81 5.82
N THR B 33 -12.22 -4.32 4.63
CA THR B 33 -11.53 -3.16 4.14
C THR B 33 -12.59 -2.32 3.45
N SER B 34 -12.69 -1.05 3.80
CA SER B 34 -13.69 -0.19 3.20
C SER B 34 -13.15 0.88 2.29
N ARG B 35 -14.01 1.28 1.36
CA ARG B 35 -13.68 2.28 0.37
C ARG B 35 -14.80 3.33 0.41
N ARG B 36 -14.44 4.61 0.41
CA ARG B 36 -15.45 5.68 0.39
C ARG B 36 -15.58 6.23 -1.02
N PHE B 37 -16.81 6.44 -1.41
CA PHE B 37 -17.05 7.04 -2.69
C PHE B 37 -18.23 7.97 -2.58
N LYS B 38 -17.86 9.23 -2.52
CA LYS B 38 -18.84 10.31 -2.72
C LYS B 38 -18.91 10.61 -4.22
N LYS B 39 -19.44 9.59 -4.91
CA LYS B 39 -19.42 9.60 -6.36
C LYS B 39 -20.82 9.57 -6.94
N GLN B 40 -21.77 9.03 -6.18
CA GLN B 40 -23.14 8.83 -6.66
C GLN B 40 -24.06 10.01 -6.87
N ASP B 41 -25.20 9.73 -7.48
CA ASP B 41 -26.24 10.72 -7.68
C ASP B 41 -26.32 11.45 -6.34
N GLY B 42 -25.64 12.58 -6.28
CA GLY B 42 -25.64 13.34 -5.08
C GLY B 42 -24.57 13.02 -4.01
N THR B 43 -24.78 11.98 -3.17
CA THR B 43 -23.98 11.92 -1.95
C THR B 43 -22.91 10.81 -1.87
N LEU B 44 -22.53 10.53 -0.63
CA LEU B 44 -21.41 9.60 -0.25
C LEU B 44 -21.78 8.15 0.09
N GLY B 45 -21.01 7.22 -0.50
CA GLY B 45 -21.24 5.80 -0.29
C GLY B 45 -20.06 5.09 0.35
N GLU B 46 -20.29 3.86 0.79
CA GLU B 46 -19.27 3.07 1.45
C GLU B 46 -19.40 1.60 1.12
N GLU B 47 -18.31 1.01 0.64
CA GLU B 47 -18.32 -0.43 0.37
C GLU B 47 -17.24 -1.12 1.17
N VAL B 48 -17.62 -2.27 1.71
CA VAL B 48 -16.74 -3.05 2.53
C VAL B 48 -16.52 -4.40 1.86
N CYS B 49 -15.27 -4.78 1.70
CA CYS B 49 -14.96 -6.07 1.14
C CYS B 49 -14.59 -6.97 2.30
N PHE B 50 -15.31 -8.06 2.44
CA PHE B 50 -15.00 -9.03 3.47
C PHE B 50 -14.28 -10.18 2.80
N ILE B 51 -13.20 -10.64 3.39
CA ILE B 51 -12.48 -11.76 2.82
C ILE B 51 -11.53 -12.36 3.83
N ASP B 52 -11.29 -13.65 3.68
CA ASP B 52 -10.38 -14.38 4.55
C ASP B 52 -9.00 -14.49 3.91
N ALA B 53 -7.98 -14.51 4.75
CA ALA B 53 -6.61 -14.64 4.30
C ALA B 53 -5.94 -15.84 4.97
N ARG B 54 -5.22 -16.62 4.17
CA ARG B 54 -4.46 -17.77 4.67
C ARG B 54 -3.04 -17.32 5.03
N LEU B 55 -2.58 -17.72 6.20
CA LEU B 55 -1.24 -17.38 6.66
C LEU B 55 -0.51 -18.66 6.92
N PHE B 56 0.81 -18.63 6.73
CA PHE B 56 1.64 -19.81 6.94
C PHE B 56 2.91 -19.50 7.69
N GLY B 57 3.56 -20.56 8.17
CA GLY B 57 4.79 -20.41 8.90
C GLY B 57 4.78 -19.36 10.01
N ARG B 58 5.91 -18.65 10.11
CA ARG B 58 6.10 -17.61 11.13
C ARG B 58 5.16 -16.42 10.98
N THR B 59 4.66 -16.19 9.77
CA THR B 59 3.68 -15.12 9.55
C THR B 59 2.38 -15.45 10.35
N ALA B 60 1.94 -16.70 10.26
CA ALA B 60 0.74 -17.15 10.98
C ALA B 60 0.95 -16.99 12.50
N GLU B 61 2.17 -17.28 12.95
CA GLU B 61 2.52 -17.15 14.38
C GLU B 61 2.47 -15.69 14.83
N ILE B 62 3.08 -14.80 14.06
CA ILE B 62 3.04 -13.38 14.38
C ILE B 62 1.61 -12.87 14.38
N ALA B 63 0.80 -13.34 13.43
CA ALA B 63 -0.59 -12.91 13.39
C ALA B 63 -1.26 -13.40 14.69
N ASN B 64 -0.99 -14.64 15.08
CA ASN B 64 -1.60 -15.19 16.30
C ASN B 64 -1.17 -14.48 17.59
N GLN B 65 0.11 -14.12 17.72
CA GLN B 65 0.48 -13.45 18.94
C GLN B 65 0.10 -11.97 19.03
N TYR B 66 0.08 -11.25 17.90
CA TYR B 66 -0.20 -9.83 17.93
C TYR B 66 -1.52 -9.30 17.42
N LEU B 67 -2.31 -10.11 16.71
CA LEU B 67 -3.58 -9.60 16.18
C LEU B 67 -4.83 -10.18 16.86
N SER B 68 -5.93 -9.43 16.78
CA SER B 68 -7.18 -9.90 17.37
C SER B 68 -8.29 -9.12 16.69
N LYS B 69 -9.53 -9.51 16.94
CA LYS B 69 -10.68 -8.84 16.34
C LYS B 69 -10.49 -7.32 16.45
N GLY B 70 -10.72 -6.61 15.35
CA GLY B 70 -10.55 -5.17 15.37
C GLY B 70 -9.20 -4.60 14.95
N SER B 71 -8.14 -5.39 15.03
CA SER B 71 -6.80 -4.95 14.64
C SER B 71 -6.74 -4.52 13.17
N SER B 72 -5.91 -3.53 12.89
CA SER B 72 -5.73 -3.05 11.53
C SER B 72 -4.40 -3.61 11.05
N VAL B 73 -4.36 -4.13 9.82
CA VAL B 73 -3.14 -4.71 9.29
C VAL B 73 -3.06 -4.52 7.76
N LEU B 74 -1.83 -4.55 7.27
CA LEU B 74 -1.57 -4.45 5.86
C LEU B 74 -1.09 -5.84 5.44
N ILE B 75 -1.72 -6.45 4.45
CA ILE B 75 -1.22 -7.73 4.05
C ILE B 75 -0.88 -7.75 2.58
N GLU B 76 0.15 -8.55 2.25
CA GLU B 76 0.57 -8.71 0.89
C GLU B 76 0.48 -10.19 0.59
N GLY B 77 0.04 -10.51 -0.62
CA GLY B 77 0.00 -11.91 -1.00
C GLY B 77 -0.60 -12.07 -2.36
N ARG B 78 -1.36 -13.14 -2.54
CA ARG B 78 -1.99 -13.40 -3.81
C ARG B 78 -3.42 -13.85 -3.63
N LEU B 79 -4.18 -13.79 -4.71
CA LEU B 79 -5.56 -14.20 -4.69
C LEU B 79 -5.59 -15.72 -4.90
N THR B 80 -6.37 -16.39 -4.07
CA THR B 80 -6.50 -17.82 -4.11
C THR B 80 -7.93 -18.30 -4.37
N TYR B 81 -8.08 -19.27 -5.25
CA TYR B 81 -9.38 -19.87 -5.56
C TYR B 81 -9.40 -21.28 -4.96
N GLU B 82 -10.14 -21.45 -3.85
CA GLU B 82 -10.24 -22.74 -3.16
C GLU B 82 -11.50 -23.50 -3.54
N SER B 83 -11.36 -24.80 -3.78
CA SER B 83 -12.50 -25.65 -4.10
C SER B 83 -12.44 -26.97 -3.33
N TRP B 84 -13.61 -27.60 -3.15
CA TRP B 84 -13.70 -28.87 -2.43
C TRP B 84 -15.12 -29.42 -2.55
N MET B 85 -15.34 -30.60 -1.96
CA MET B 85 -16.64 -31.27 -1.95
C MET B 85 -17.27 -31.38 -0.56
N ASP B 86 -18.60 -31.39 -0.57
CA ASP B 86 -19.43 -31.59 0.60
C ASP B 86 -19.24 -33.06 1.05
N GLN B 87 -19.76 -33.40 2.23
CA GLN B 87 -19.78 -34.80 2.65
C GLN B 87 -20.86 -35.43 1.73
N THR B 88 -21.75 -34.60 1.17
CA THR B 88 -22.77 -35.09 0.24
C THR B 88 -22.33 -34.91 -1.22
N GLY B 89 -21.03 -34.83 -1.45
CA GLY B 89 -20.49 -34.64 -2.80
C GLY B 89 -20.74 -33.31 -3.53
N LYS B 90 -21.43 -32.37 -2.89
CA LYS B 90 -21.65 -31.04 -3.53
C LYS B 90 -20.30 -30.27 -3.56
N LYS B 91 -19.76 -30.05 -4.76
CA LYS B 91 -18.50 -29.32 -4.88
C LYS B 91 -18.69 -27.82 -4.61
N ASN B 92 -17.85 -27.29 -3.71
CA ASN B 92 -17.88 -25.88 -3.33
C ASN B 92 -16.65 -25.11 -3.82
N SER B 93 -16.71 -23.78 -3.78
CA SER B 93 -15.57 -22.96 -4.19
C SER B 93 -15.50 -21.71 -3.31
N ARG B 94 -14.39 -20.97 -3.42
CA ARG B 94 -14.20 -19.84 -2.55
C ARG B 94 -12.92 -19.05 -2.94
N HIS B 95 -12.94 -17.73 -2.73
CA HIS B 95 -11.76 -16.92 -2.99
C HIS B 95 -11.23 -16.45 -1.66
N THR B 96 -9.93 -16.57 -1.49
CA THR B 96 -9.30 -16.09 -0.29
C THR B 96 -7.97 -15.42 -0.74
N ILE B 97 -7.28 -14.81 0.22
CA ILE B 97 -5.99 -14.24 -0.06
C ILE B 97 -4.97 -15.11 0.67
N THR B 98 -3.91 -15.51 -0.01
CA THR B 98 -2.83 -16.21 0.67
C THR B 98 -1.72 -15.17 0.88
N ALA B 99 -1.54 -14.75 2.13
CA ALA B 99 -0.56 -13.74 2.46
C ALA B 99 0.88 -14.24 2.53
N ASP B 100 1.80 -13.44 1.97
CA ASP B 100 3.24 -13.71 2.02
C ASP B 100 3.73 -12.94 3.25
N SER B 101 3.18 -11.75 3.45
CA SER B 101 3.60 -10.94 4.57
C SER B 101 2.48 -10.15 5.22
N LEU B 102 2.86 -9.59 6.37
CA LEU B 102 1.95 -8.87 7.23
C LEU B 102 2.66 -7.65 7.83
N GLN B 103 1.94 -6.54 7.93
CA GLN B 103 2.49 -5.34 8.54
C GLN B 103 1.36 -4.74 9.37
N PHE B 104 1.58 -4.61 10.67
CA PHE B 104 0.52 -4.06 11.48
C PHE B 104 0.91 -2.68 11.94
N MET B 105 -0.05 -1.78 11.76
CA MET B 105 0.09 -0.36 12.02
C MET B 105 -0.23 0.03 13.47
N ASP B 106 -0.64 -0.87 14.23
#